data_2QEO
#
_entry.id   2QEO
#
_cell.length_a   87.807
_cell.length_b   87.807
_cell.length_c   43.488
_cell.angle_alpha   90.00
_cell.angle_beta   90.00
_cell.angle_gamma   90.00
#
_symmetry.space_group_name_H-M   'P 43'
#
loop_
_entity.id
_entity.type
_entity.pdbx_description
1 polymer 'D7R4 Protein'
2 non-polymer L-NOREPINEPHRINE
3 water water
#
_entity_poly.entity_id   1
_entity_poly.type   'polypeptide(L)'
_entity_poly.pdbx_seq_one_letter_code
;METVQDCENKLPPSLKSRLCEIRRYEIIEGPEMDKHIHCVMRALDFVYEDGRGDYHKLYDPLNIIELDKRHDVNLEKCIG
ECVQVPTSERAHVFYKCLLKSTTGRTFKKVFDLMELKKAGKVPQHQRYTAEFVQIMKDYDKALNC
;
_entity_poly.pdbx_strand_id   A,B
#
# COMPACT_ATOMS: atom_id res chain seq x y z
N GLU A 2 19.77 -13.94 -19.71
CA GLU A 2 19.65 -14.32 -18.26
C GLU A 2 18.34 -13.79 -17.68
N THR A 3 17.53 -14.71 -17.15
CA THR A 3 16.19 -14.39 -16.64
C THR A 3 16.19 -14.21 -15.12
N VAL A 4 15.06 -13.78 -14.57
CA VAL A 4 14.91 -13.64 -13.12
C VAL A 4 15.08 -15.00 -12.45
N GLN A 5 14.54 -16.03 -13.10
CA GLN A 5 14.69 -17.41 -12.65
C GLN A 5 16.15 -17.88 -12.63
N ASP A 6 16.93 -17.50 -13.64
CA ASP A 6 18.36 -17.83 -13.65
C ASP A 6 19.03 -17.17 -12.45
N CYS A 7 18.73 -15.90 -12.23
CA CYS A 7 19.33 -15.14 -11.11
C CYS A 7 19.09 -15.81 -9.77
N GLU A 8 17.86 -16.26 -9.54
CA GLU A 8 17.48 -16.86 -8.26
C GLU A 8 18.15 -18.23 -8.08
N ASN A 9 18.36 -18.92 -9.20
CA ASN A 9 19.04 -20.23 -9.20
C ASN A 9 20.49 -20.12 -8.78
N LYS A 10 21.09 -18.97 -9.00
CA LYS A 10 22.49 -18.76 -8.65
C LYS A 10 22.63 -17.94 -7.38
N LEU A 11 21.54 -17.81 -6.64
CA LEU A 11 21.59 -17.31 -5.25
C LEU A 11 22.38 -18.25 -4.32
N PRO A 12 23.17 -17.66 -3.38
CA PRO A 12 23.87 -18.43 -2.34
C PRO A 12 22.90 -19.01 -1.31
N PRO A 13 23.24 -20.17 -0.71
CA PRO A 13 22.30 -20.87 0.15
C PRO A 13 21.58 -19.95 1.12
N SER A 14 22.32 -18.98 1.65
CA SER A 14 21.81 -18.07 2.68
C SER A 14 20.71 -17.17 2.19
N LEU A 15 20.58 -17.01 0.87
CA LEU A 15 19.53 -16.16 0.32
C LEU A 15 18.45 -16.95 -0.41
N LYS A 16 18.83 -18.09 -0.97
CA LYS A 16 17.86 -19.03 -1.54
C LYS A 16 16.83 -19.45 -0.49
N SER A 17 17.27 -19.57 0.76
CA SER A 17 16.34 -19.90 1.85
C SER A 17 15.39 -18.74 2.16
N ARG A 18 15.67 -17.56 1.60
CA ARG A 18 14.81 -16.38 1.80
C ARG A 18 14.23 -15.86 0.50
N LEU A 19 14.24 -16.71 -0.53
CA LEU A 19 13.60 -16.38 -1.79
C LEU A 19 12.25 -15.68 -1.63
N CYS A 20 11.42 -16.16 -0.72
CA CYS A 20 10.04 -15.71 -0.70
C CYS A 20 9.94 -14.28 -0.20
N GLU A 21 10.83 -13.92 0.73
CA GLU A 21 11.00 -12.54 1.19
C GLU A 21 11.48 -11.67 0.04
N ILE A 22 12.56 -12.11 -0.59
CA ILE A 22 13.09 -11.46 -1.76
C ILE A 22 11.97 -11.19 -2.77
N ARG A 23 11.14 -12.18 -3.03
CA ARG A 23 10.14 -12.09 -4.12
C ARG A 23 8.89 -11.27 -3.77
N ARG A 24 8.65 -11.01 -2.48
CA ARG A 24 7.71 -9.98 -2.06
C ARG A 24 8.34 -8.60 -1.92
N TYR A 25 9.60 -8.46 -2.32
CA TYR A 25 10.26 -7.15 -2.34
C TYR A 25 10.60 -6.64 -0.96
N GLU A 26 10.85 -7.56 -0.04
CA GLU A 26 11.43 -7.18 1.23
C GLU A 26 12.89 -6.81 1.01
N ILE A 27 13.32 -5.75 1.67
CA ILE A 27 14.68 -5.27 1.51
C ILE A 27 15.60 -6.15 2.37
N ILE A 28 16.66 -6.65 1.76
CA ILE A 28 17.68 -7.39 2.51
C ILE A 28 19.02 -6.83 2.12
N GLU A 29 19.80 -6.38 3.10
CA GLU A 29 21.08 -5.77 2.81
C GLU A 29 22.20 -6.77 2.56
N GLY A 30 23.25 -6.31 1.88
CA GLY A 30 24.45 -7.11 1.72
C GLY A 30 24.97 -7.04 0.29
N PRO A 31 26.23 -7.46 0.11
CA PRO A 31 26.84 -7.46 -1.21
C PRO A 31 26.28 -8.57 -2.11
N GLU A 32 25.79 -9.65 -1.50
CA GLU A 32 25.07 -10.68 -2.25
C GLU A 32 23.72 -10.20 -2.80
N MET A 33 23.02 -9.37 -2.04
CA MET A 33 21.75 -8.80 -2.50
C MET A 33 21.95 -7.65 -3.47
N ASP A 34 22.99 -6.85 -3.25
CA ASP A 34 23.47 -5.90 -4.26
C ASP A 34 23.63 -6.61 -5.60
N LYS A 35 24.27 -7.78 -5.57
CA LYS A 35 24.54 -8.58 -6.77
C LYS A 35 23.24 -9.07 -7.40
N HIS A 36 22.39 -9.70 -6.58
CA HIS A 36 21.18 -10.34 -7.07
C HIS A 36 20.22 -9.34 -7.70
N ILE A 37 20.04 -8.21 -7.04
CA ILE A 37 19.13 -7.19 -7.53
C ILE A 37 19.66 -6.55 -8.80
N HIS A 38 20.98 -6.41 -8.88
CA HIS A 38 21.53 -5.99 -10.14
C HIS A 38 21.14 -6.97 -11.24
N CYS A 39 21.24 -8.27 -10.94
CA CYS A 39 20.87 -9.33 -11.86
C CYS A 39 19.41 -9.28 -12.34
N VAL A 40 18.46 -9.08 -11.42
CA VAL A 40 17.05 -9.10 -11.81
C VAL A 40 16.69 -7.81 -12.52
N MET A 41 17.27 -6.71 -12.06
CA MET A 41 16.97 -5.41 -12.65
C MET A 41 17.48 -5.32 -14.08
N ARG A 42 18.65 -5.91 -14.32
CA ARG A 42 19.12 -6.14 -15.67
C ARG A 42 18.23 -7.12 -16.47
N ALA A 43 17.84 -8.23 -15.88
CA ALA A 43 17.00 -9.17 -16.57
C ALA A 43 15.67 -8.65 -17.05
N LEU A 44 15.12 -7.65 -16.36
CA LEU A 44 13.86 -7.05 -16.75
C LEU A 44 14.07 -5.69 -17.41
N ASP A 45 15.32 -5.27 -17.51
CA ASP A 45 15.72 -4.25 -18.46
C ASP A 45 15.60 -2.86 -17.86
N PHE A 46 15.55 -2.79 -16.52
CA PHE A 46 15.16 -1.58 -15.83
C PHE A 46 16.37 -0.68 -15.55
N VAL A 47 17.55 -1.23 -15.77
CA VAL A 47 18.79 -0.51 -15.48
C VAL A 47 19.84 -0.76 -16.56
N TYR A 48 20.75 0.19 -16.68
CA TYR A 48 21.92 0.06 -17.53
C TYR A 48 22.95 -0.88 -16.94
N GLU A 49 23.99 -1.13 -17.71
CA GLU A 49 25.00 -2.12 -17.34
C GLU A 49 25.70 -1.74 -16.04
N ASP A 50 25.88 -0.43 -15.82
CA ASP A 50 26.53 0.04 -14.60
C ASP A 50 25.57 0.08 -13.41
N GLY A 51 24.29 -0.19 -13.68
CA GLY A 51 23.28 -0.34 -12.61
C GLY A 51 22.38 0.87 -12.43
N ARG A 52 22.62 1.91 -13.23
CA ARG A 52 21.79 3.11 -13.18
C ARG A 52 20.37 2.85 -13.67
N GLY A 53 19.39 3.26 -12.87
CA GLY A 53 17.98 3.16 -13.27
C GLY A 53 17.79 3.80 -14.63
N ASP A 54 16.93 3.20 -15.44
CA ASP A 54 16.56 3.79 -16.72
C ASP A 54 15.15 4.39 -16.64
N TYR A 55 15.11 5.71 -16.48
CA TYR A 55 13.86 6.48 -16.43
C TYR A 55 12.85 6.06 -17.49
N HIS A 56 13.33 5.83 -18.70
CA HIS A 56 12.46 5.69 -19.86
C HIS A 56 11.90 4.28 -19.96
N LYS A 57 12.36 3.40 -19.08
CA LYS A 57 11.88 2.02 -19.05
C LYS A 57 10.74 1.86 -18.04
N LEU A 58 10.45 2.93 -17.31
CA LEU A 58 9.59 2.83 -16.13
C LEU A 58 8.49 3.89 -16.16
N TYR A 59 8.77 5.00 -16.81
CA TYR A 59 7.90 6.18 -16.72
C TYR A 59 6.50 5.88 -17.22
N ASP A 60 6.41 5.42 -18.46
CA ASP A 60 5.12 5.19 -19.09
C ASP A 60 4.40 4.00 -18.47
N PRO A 61 5.09 2.86 -18.43
CA PRO A 61 4.58 1.67 -17.74
C PRO A 61 4.01 1.99 -16.34
N LEU A 62 4.70 2.86 -15.59
CA LEU A 62 4.23 3.26 -14.25
C LEU A 62 2.94 4.09 -14.35
N ASN A 63 2.97 5.11 -15.20
CA ASN A 63 1.78 5.92 -15.48
C ASN A 63 0.62 5.21 -16.14
N ILE A 64 0.92 4.16 -16.91
CA ILE A 64 -0.11 3.36 -17.55
C ILE A 64 -0.84 2.48 -16.54
N ILE A 65 -0.10 1.94 -15.59
CA ILE A 65 -0.69 1.18 -14.50
C ILE A 65 -1.47 2.10 -13.56
N GLU A 66 -0.87 3.23 -13.21
CA GLU A 66 -1.57 4.27 -12.48
C GLU A 66 -0.94 5.64 -12.72
N LEU A 67 -1.76 6.59 -13.16
CA LEU A 67 -1.25 7.90 -13.58
C LEU A 67 -1.00 8.80 -12.38
N ASP A 68 0.23 9.30 -12.28
CA ASP A 68 0.68 9.94 -11.05
C ASP A 68 1.93 10.75 -11.33
N LYS A 69 1.82 12.05 -11.16
CA LYS A 69 2.95 12.93 -11.44
C LYS A 69 4.12 12.65 -10.50
N ARG A 70 3.90 11.85 -9.47
CA ARG A 70 4.94 11.58 -8.50
C ARG A 70 5.91 10.53 -9.04
N HIS A 71 5.47 9.79 -10.05
CA HIS A 71 6.36 8.85 -10.73
C HIS A 71 7.59 9.56 -11.28
N ASP A 72 7.37 10.63 -12.05
CA ASP A 72 8.45 11.49 -12.50
C ASP A 72 9.45 11.89 -11.40
N VAL A 73 8.91 12.53 -10.35
CA VAL A 73 9.68 12.97 -9.21
C VAL A 73 10.46 11.82 -8.56
N ASN A 74 9.81 10.67 -8.41
CA ASN A 74 10.42 9.54 -7.72
C ASN A 74 11.53 8.89 -8.54
N LEU A 75 11.30 8.76 -9.84
CA LEU A 75 12.33 8.31 -10.75
C LEU A 75 13.58 9.20 -10.70
N GLU A 76 13.38 10.51 -10.67
CA GLU A 76 14.52 11.43 -10.72
C GLU A 76 15.29 11.36 -9.40
N LYS A 77 14.55 11.37 -8.29
CA LYS A 77 15.14 11.18 -6.98
C LYS A 77 16.04 9.94 -6.94
N CYS A 78 15.46 8.79 -7.27
CA CYS A 78 16.13 7.49 -7.10
C CYS A 78 17.25 7.23 -8.10
N ILE A 79 17.16 7.84 -9.28
CA ILE A 79 18.30 7.90 -10.17
C ILE A 79 19.36 8.85 -9.59
N GLY A 80 18.91 10.01 -9.11
CA GLY A 80 19.75 10.88 -8.30
C GLY A 80 20.58 10.10 -7.29
N GLU A 81 19.92 9.26 -6.48
CA GLU A 81 20.61 8.50 -5.43
C GLU A 81 21.60 7.45 -5.94
N CYS A 82 21.18 6.67 -6.95
CA CYS A 82 21.96 5.52 -7.40
C CYS A 82 23.24 5.96 -8.14
N VAL A 83 23.21 7.15 -8.73
CA VAL A 83 24.36 7.67 -9.46
C VAL A 83 25.50 8.05 -8.49
N GLN A 84 25.17 8.14 -7.22
CA GLN A 84 26.11 8.65 -6.22
C GLN A 84 26.72 7.53 -5.39
N VAL A 85 26.31 6.30 -5.66
CA VAL A 85 26.86 5.15 -4.95
C VAL A 85 27.72 4.27 -5.87
N PRO A 86 28.61 3.45 -5.27
CA PRO A 86 29.42 2.52 -6.03
C PRO A 86 28.55 1.76 -7.01
N THR A 87 29.09 1.42 -8.17
CA THR A 87 28.40 0.65 -9.20
C THR A 87 27.97 -0.72 -8.69
N SER A 88 28.69 -1.26 -7.71
CA SER A 88 28.44 -2.61 -7.22
C SER A 88 27.12 -2.65 -6.48
N GLU A 89 26.55 -1.46 -6.30
CA GLU A 89 25.54 -1.21 -5.29
C GLU A 89 24.39 -0.45 -5.96
N ARG A 90 24.60 -0.02 -7.20
CA ARG A 90 23.80 1.03 -7.83
C ARG A 90 22.38 0.60 -8.11
N ALA A 91 22.23 -0.58 -8.69
CA ALA A 91 20.91 -1.10 -9.05
C ALA A 91 20.06 -1.29 -7.78
N HIS A 92 20.68 -1.86 -6.76
CA HIS A 92 19.98 -2.17 -5.52
C HIS A 92 19.49 -0.90 -4.83
N VAL A 93 20.33 0.13 -4.83
CA VAL A 93 19.94 1.45 -4.32
C VAL A 93 18.79 2.08 -5.13
N PHE A 94 18.84 1.93 -6.44
CA PHE A 94 17.77 2.42 -7.28
C PHE A 94 16.46 1.74 -6.86
N TYR A 95 16.53 0.43 -6.72
CA TYR A 95 15.40 -0.43 -6.45
C TYR A 95 14.90 -0.17 -5.04
N LYS A 96 15.84 -0.02 -4.10
CA LYS A 96 15.45 0.28 -2.72
C LYS A 96 14.78 1.63 -2.64
N CYS A 97 15.32 2.59 -3.36
CA CYS A 97 14.77 3.92 -3.32
C CYS A 97 13.35 3.91 -3.92
N LEU A 98 13.17 3.19 -5.02
CA LEU A 98 11.88 3.12 -5.69
C LEU A 98 10.81 2.50 -4.81
N LEU A 99 11.16 1.42 -4.13
CA LEU A 99 10.23 0.73 -3.26
C LEU A 99 9.76 1.58 -2.05
N LYS A 100 10.67 2.39 -1.52
CA LYS A 100 10.38 3.26 -0.37
C LYS A 100 9.60 4.51 -0.76
N SER A 101 9.60 4.86 -2.05
CA SER A 101 8.85 6.04 -2.51
C SER A 101 7.41 5.65 -2.71
N THR A 102 6.54 6.64 -2.92
CA THR A 102 5.13 6.34 -3.19
C THR A 102 4.92 5.61 -4.52
N THR A 103 5.96 5.58 -5.33
CA THR A 103 5.90 4.87 -6.61
C THR A 103 6.13 3.38 -6.43
N GLY A 104 6.65 3.01 -5.26
CA GLY A 104 7.02 1.63 -4.99
C GLY A 104 5.93 0.64 -5.30
N ARG A 105 4.70 0.93 -4.87
CA ARG A 105 3.60 -0.05 -5.04
C ARG A 105 3.25 -0.29 -6.52
N THR A 106 3.36 0.74 -7.35
CA THR A 106 3.13 0.59 -8.81
C THR A 106 4.32 -0.05 -9.51
N PHE A 107 5.52 0.29 -9.04
CA PHE A 107 6.72 -0.40 -9.45
C PHE A 107 6.70 -1.94 -9.32
N LYS A 108 6.29 -2.45 -8.16
CA LYS A 108 6.09 -3.88 -7.97
C LYS A 108 5.19 -4.53 -9.02
N LYS A 109 4.15 -3.83 -9.43
CA LYS A 109 3.23 -4.33 -10.45
C LYS A 109 3.87 -4.35 -11.82
N VAL A 110 4.63 -3.31 -12.15
CA VAL A 110 5.27 -3.24 -13.45
C VAL A 110 6.29 -4.37 -13.52
N PHE A 111 7.00 -4.52 -12.42
CA PHE A 111 8.02 -5.52 -12.27
C PHE A 111 7.39 -6.91 -12.43
N ASP A 112 6.31 -7.15 -11.69
CA ASP A 112 5.60 -8.44 -11.74
C ASP A 112 5.17 -8.72 -13.16
N LEU A 113 4.58 -7.72 -13.80
CA LEU A 113 3.96 -7.90 -15.12
C LEU A 113 5.02 -8.20 -16.18
N MET A 114 6.23 -7.71 -15.95
CA MET A 114 7.28 -7.78 -16.96
C MET A 114 8.13 -9.04 -16.78
N GLU A 115 8.18 -9.54 -15.55
CA GLU A 115 8.67 -10.88 -15.28
C GLU A 115 7.79 -11.92 -15.96
N LEU A 116 6.48 -11.75 -15.85
CA LEU A 116 5.55 -12.75 -16.37
C LEU A 116 5.38 -12.65 -17.86
N LYS A 117 5.53 -11.45 -18.40
CA LYS A 117 5.53 -11.28 -19.86
C LYS A 117 6.74 -11.96 -20.52
N LYS A 118 7.92 -11.74 -19.99
CA LYS A 118 9.09 -12.42 -20.46
C LYS A 118 9.12 -13.92 -20.28
N ALA A 119 8.45 -14.41 -19.23
CA ALA A 119 8.36 -15.85 -19.00
C ALA A 119 7.28 -16.47 -19.87
N GLY A 120 6.55 -15.62 -20.60
CA GLY A 120 5.55 -16.07 -21.52
C GLY A 120 4.24 -16.46 -20.91
N LYS A 121 4.05 -16.18 -19.65
CA LYS A 121 2.85 -16.62 -18.94
C LYS A 121 1.66 -15.67 -19.17
N VAL A 122 1.94 -14.42 -19.54
CA VAL A 122 0.89 -13.50 -19.96
C VAL A 122 1.21 -12.80 -21.27
N PRO A 123 0.19 -12.27 -21.95
CA PRO A 123 0.39 -11.53 -23.19
C PRO A 123 1.08 -10.19 -22.91
N GLN A 124 1.70 -9.62 -23.94
CA GLN A 124 2.50 -8.41 -23.77
C GLN A 124 1.66 -7.27 -23.21
N HIS A 125 0.39 -7.21 -23.62
CA HIS A 125 -0.47 -6.10 -23.27
C HIS A 125 -1.22 -6.37 -21.96
N GLN A 126 -0.87 -7.47 -21.31
CA GLN A 126 -1.48 -7.82 -20.02
C GLN A 126 -1.51 -6.63 -19.08
N ARG A 127 -2.67 -6.37 -18.50
CA ARG A 127 -2.81 -5.34 -17.46
C ARG A 127 -2.89 -5.98 -16.08
N TYR A 128 -2.87 -5.13 -15.06
CA TYR A 128 -2.80 -5.60 -13.69
C TYR A 128 -4.20 -5.84 -13.16
N THR A 129 -4.77 -7.00 -13.48
CA THR A 129 -6.17 -7.27 -13.24
C THR A 129 -6.27 -8.27 -12.08
N ALA A 130 -7.48 -8.57 -11.62
CA ALA A 130 -7.65 -9.61 -10.60
C ALA A 130 -7.18 -10.98 -11.10
N GLU A 131 -7.41 -11.27 -12.38
CA GLU A 131 -6.89 -12.51 -12.94
C GLU A 131 -5.37 -12.56 -12.81
N PHE A 132 -4.73 -11.44 -13.15
CA PHE A 132 -3.28 -11.39 -13.11
C PHE A 132 -2.72 -11.67 -11.72
N VAL A 133 -3.38 -11.14 -10.69
CA VAL A 133 -2.98 -11.38 -9.30
C VAL A 133 -3.05 -12.87 -8.97
N GLN A 134 -4.04 -13.58 -9.49
CA GLN A 134 -4.14 -15.01 -9.23
C GLN A 134 -3.06 -15.79 -10.00
N ILE A 135 -2.75 -15.32 -11.20
CA ILE A 135 -1.74 -15.96 -12.04
C ILE A 135 -0.37 -15.87 -11.34
N MET A 136 -0.07 -14.71 -10.77
CA MET A 136 1.20 -14.44 -10.07
C MET A 136 1.28 -15.20 -8.74
N LYS A 137 0.17 -15.26 -8.02
CA LYS A 137 0.04 -16.19 -6.90
C LYS A 137 0.35 -17.64 -7.22
N ASP A 138 -0.27 -18.16 -8.28
CA ASP A 138 -0.02 -19.54 -8.73
C ASP A 138 1.40 -19.70 -9.27
N TYR A 139 1.98 -18.62 -9.80
CA TYR A 139 3.35 -18.68 -10.27
C TYR A 139 4.32 -18.81 -9.09
N ASP A 140 4.05 -18.08 -8.02
CA ASP A 140 4.89 -18.12 -6.82
C ASP A 140 4.76 -19.41 -6.03
N LYS A 141 3.53 -19.92 -5.93
CA LYS A 141 3.27 -21.16 -5.22
C LYS A 141 4.15 -22.27 -5.83
N ALA A 142 4.30 -22.27 -7.15
CA ALA A 142 5.06 -23.31 -7.83
C ALA A 142 6.57 -23.24 -7.51
N LEU A 143 7.01 -22.07 -7.04
CA LEU A 143 8.38 -21.84 -6.57
C LEU A 143 8.49 -21.98 -5.06
N ASN A 144 7.44 -22.48 -4.42
CA ASN A 144 7.44 -22.69 -2.99
C ASN A 144 7.31 -21.39 -2.21
N CYS A 145 6.72 -20.39 -2.86
CA CYS A 145 6.44 -19.11 -2.24
C CYS A 145 4.94 -18.75 -2.19
N GLU B 2 -14.08 20.39 7.78
CA GLU B 2 -15.20 19.56 8.19
C GLU B 2 -14.72 18.30 8.90
N THR B 3 -15.14 18.14 10.15
CA THR B 3 -14.55 17.15 11.05
C THR B 3 -15.44 15.91 11.16
N VAL B 4 -14.90 14.87 11.81
CA VAL B 4 -15.70 13.69 12.13
C VAL B 4 -16.93 14.05 12.94
N GLN B 5 -16.75 14.97 13.89
CA GLN B 5 -17.85 15.54 14.65
C GLN B 5 -18.90 16.15 13.72
N ASP B 6 -18.48 17.13 12.92
CA ASP B 6 -19.39 17.71 11.94
C ASP B 6 -20.21 16.62 11.27
N CYS B 7 -19.52 15.60 10.72
CA CYS B 7 -20.20 14.52 10.00
C CYS B 7 -21.24 13.83 10.88
N GLU B 8 -20.88 13.57 12.13
CA GLU B 8 -21.77 12.95 13.10
C GLU B 8 -22.98 13.82 13.48
N ASN B 9 -22.77 15.13 13.52
CA ASN B 9 -23.84 16.11 13.79
C ASN B 9 -24.87 16.17 12.66
N LYS B 10 -24.42 15.90 11.43
CA LYS B 10 -25.35 15.90 10.29
C LYS B 10 -25.93 14.53 9.93
N LEU B 11 -25.85 13.57 10.86
CA LEU B 11 -26.45 12.25 10.70
C LEU B 11 -27.97 12.31 10.83
N PRO B 12 -28.70 11.50 10.04
CA PRO B 12 -30.16 11.54 10.18
C PRO B 12 -30.61 10.78 11.42
N PRO B 13 -31.72 11.24 12.03
CA PRO B 13 -32.26 10.75 13.29
C PRO B 13 -32.13 9.23 13.47
N SER B 14 -32.37 8.47 12.42
CA SER B 14 -32.35 7.00 12.51
C SER B 14 -30.93 6.49 12.70
N LEU B 15 -29.98 7.22 12.12
CA LEU B 15 -28.58 6.84 12.26
C LEU B 15 -27.96 7.37 13.56
N LYS B 16 -28.38 8.56 13.99
CA LYS B 16 -27.87 9.14 15.23
C LYS B 16 -28.06 8.21 16.41
N SER B 17 -29.16 7.43 16.39
CA SER B 17 -29.53 6.59 17.52
C SER B 17 -28.59 5.40 17.66
N ARG B 18 -27.79 5.17 16.63
CA ARG B 18 -26.86 4.05 16.63
C ARG B 18 -25.41 4.54 16.55
N LEU B 19 -25.18 5.76 17.01
CA LEU B 19 -23.87 6.41 16.87
C LEU B 19 -22.77 5.54 17.45
N CYS B 20 -23.06 4.93 18.60
CA CYS B 20 -22.08 4.17 19.35
C CYS B 20 -21.72 2.88 18.63
N GLU B 21 -22.65 2.37 17.84
CA GLU B 21 -22.38 1.23 16.98
C GLU B 21 -21.41 1.64 15.88
N ILE B 22 -21.77 2.71 15.19
CA ILE B 22 -20.94 3.30 14.18
C ILE B 22 -19.54 3.51 14.74
N ARG B 23 -19.44 4.29 15.83
CA ARG B 23 -18.16 4.60 16.47
C ARG B 23 -17.40 3.35 16.95
N ARG B 24 -18.08 2.21 17.03
CA ARG B 24 -17.41 0.97 17.37
C ARG B 24 -17.03 0.23 16.09
N TYR B 25 -17.24 0.88 14.94
CA TYR B 25 -16.85 0.32 13.64
C TYR B 25 -17.69 -0.90 13.30
N GLU B 26 -18.92 -0.91 13.82
CA GLU B 26 -19.89 -1.85 13.36
C GLU B 26 -20.43 -1.44 12.01
N ILE B 27 -20.50 -2.41 11.09
CA ILE B 27 -20.90 -2.10 9.73
C ILE B 27 -22.41 -2.02 9.60
N ILE B 28 -22.87 -0.90 9.05
CA ILE B 28 -24.29 -0.67 8.77
C ILE B 28 -24.46 -0.25 7.30
N GLU B 29 -25.18 -1.06 6.51
CA GLU B 29 -25.37 -0.78 5.07
C GLU B 29 -26.48 0.25 4.87
N GLY B 30 -26.64 0.72 3.64
CA GLY B 30 -27.62 1.79 3.37
C GLY B 30 -26.97 3.03 2.80
N PRO B 31 -27.70 3.78 1.96
CA PRO B 31 -27.24 5.01 1.31
C PRO B 31 -26.71 6.07 2.24
N GLU B 32 -27.22 6.12 3.46
CA GLU B 32 -26.86 7.17 4.39
C GLU B 32 -25.57 6.80 5.15
N MET B 33 -25.33 5.50 5.31
CA MET B 33 -24.03 5.07 5.80
C MET B 33 -22.93 5.25 4.74
N ASP B 34 -23.24 4.97 3.46
CA ASP B 34 -22.35 5.31 2.35
C ASP B 34 -21.90 6.78 2.40
N LYS B 35 -22.86 7.70 2.61
CA LYS B 35 -22.55 9.14 2.78
C LYS B 35 -21.77 9.44 4.05
N HIS B 36 -22.15 8.82 5.15
CA HIS B 36 -21.47 9.08 6.39
C HIS B 36 -20.00 8.62 6.33
N ILE B 37 -19.76 7.43 5.78
CA ILE B 37 -18.41 6.87 5.82
C ILE B 37 -17.45 7.61 4.88
N HIS B 38 -17.95 7.99 3.70
CA HIS B 38 -17.26 8.97 2.87
C HIS B 38 -16.84 10.26 3.63
N CYS B 39 -17.78 10.86 4.35
CA CYS B 39 -17.53 12.10 5.09
C CYS B 39 -16.43 12.00 6.15
N VAL B 40 -16.49 10.98 6.99
CA VAL B 40 -15.47 10.79 8.01
C VAL B 40 -14.13 10.36 7.40
N MET B 41 -14.17 9.57 6.34
CA MET B 41 -12.96 9.07 5.70
C MET B 41 -12.23 10.24 5.05
N ARG B 42 -13.01 11.12 4.42
CA ARG B 42 -12.48 12.38 3.91
C ARG B 42 -11.97 13.29 5.02
N ALA B 43 -12.69 13.35 6.13
CA ALA B 43 -12.33 14.23 7.24
C ALA B 43 -10.99 13.84 7.83
N LEU B 44 -10.68 12.54 7.82
CA LEU B 44 -9.39 12.08 8.33
C LEU B 44 -8.42 11.90 7.19
N ASP B 45 -8.89 12.19 5.98
CA ASP B 45 -8.01 12.29 4.86
C ASP B 45 -7.51 10.93 4.38
N PHE B 46 -8.34 9.89 4.48
CA PHE B 46 -7.90 8.54 4.11
C PHE B 46 -8.29 8.20 2.68
N VAL B 47 -9.13 9.02 2.07
CA VAL B 47 -9.72 8.71 0.78
C VAL B 47 -9.74 9.92 -0.15
N TYR B 48 -9.61 9.66 -1.44
CA TYR B 48 -9.71 10.72 -2.44
C TYR B 48 -11.13 11.27 -2.54
N GLU B 49 -11.30 12.35 -3.30
CA GLU B 49 -12.58 13.01 -3.40
C GLU B 49 -13.64 12.08 -3.98
N ASP B 50 -13.19 11.09 -4.74
CA ASP B 50 -14.09 10.07 -5.28
C ASP B 50 -14.16 8.85 -4.36
N GLY B 51 -13.55 8.96 -3.18
CA GLY B 51 -13.75 8.00 -2.12
C GLY B 51 -12.72 6.88 -2.16
N ARG B 52 -11.91 6.85 -3.21
CA ARG B 52 -10.90 5.82 -3.38
C ARG B 52 -9.87 5.93 -2.27
N GLY B 53 -9.57 4.81 -1.62
CA GLY B 53 -8.66 4.85 -0.50
C GLY B 53 -7.27 5.19 -0.97
N ASP B 54 -6.55 5.91 -0.11
CA ASP B 54 -5.21 6.37 -0.44
C ASP B 54 -4.20 5.52 0.33
N TYR B 55 -3.65 4.52 -0.36
CA TYR B 55 -2.65 3.61 0.14
C TYR B 55 -1.59 4.25 1.05
N HIS B 56 -1.13 5.45 0.70
CA HIS B 56 -0.03 6.11 1.40
C HIS B 56 -0.39 6.81 2.71
N LYS B 57 -1.67 7.09 2.91
CA LYS B 57 -2.15 7.63 4.17
C LYS B 57 -2.11 6.55 5.27
N LEU B 58 -1.90 5.31 4.85
CA LEU B 58 -2.35 4.15 5.63
C LEU B 58 -1.23 3.13 5.81
N TYR B 59 -0.46 2.92 4.75
CA TYR B 59 0.59 1.91 4.75
C TYR B 59 1.49 2.07 5.97
N ASP B 60 2.09 3.26 6.11
CA ASP B 60 3.07 3.49 7.17
C ASP B 60 2.50 3.49 8.59
N PRO B 61 1.44 4.28 8.82
CA PRO B 61 0.78 4.29 10.12
C PRO B 61 0.36 2.87 10.54
N LEU B 62 -0.26 2.11 9.64
CA LEU B 62 -0.59 0.71 9.94
C LEU B 62 0.63 -0.10 10.35
N ASN B 63 1.73 0.06 9.63
CA ASN B 63 2.95 -0.72 9.93
C ASN B 63 3.72 -0.21 11.13
N ILE B 64 3.61 1.08 11.40
CA ILE B 64 4.20 1.63 12.62
C ILE B 64 3.46 1.10 13.84
N ILE B 65 2.13 1.02 13.76
CA ILE B 65 1.38 0.46 14.88
C ILE B 65 1.51 -1.06 15.01
N GLU B 66 1.36 -1.76 13.90
CA GLU B 66 1.51 -3.20 13.89
C GLU B 66 2.21 -3.62 12.61
N LEU B 67 3.51 -3.90 12.72
CA LEU B 67 4.30 -4.32 11.56
C LEU B 67 3.80 -5.64 11.00
N ASP B 68 3.21 -5.56 9.82
CA ASP B 68 2.52 -6.69 9.24
C ASP B 68 2.58 -6.57 7.71
N LYS B 69 3.09 -7.61 7.07
CA LYS B 69 3.20 -7.69 5.60
C LYS B 69 1.83 -7.78 4.93
N ARG B 70 0.81 -8.18 5.68
CA ARG B 70 -0.55 -8.30 5.15
C ARG B 70 -1.23 -6.94 4.96
N HIS B 71 -0.71 -5.91 5.63
CA HIS B 71 -1.28 -4.56 5.48
C HIS B 71 -1.23 -4.16 3.99
N ASP B 72 -0.08 -4.43 3.37
CA ASP B 72 0.14 -4.12 1.96
C ASP B 72 -0.85 -4.87 1.07
N VAL B 73 -0.97 -6.17 1.31
CA VAL B 73 -1.91 -7.04 0.60
C VAL B 73 -3.36 -6.64 0.80
N ASN B 74 -3.72 -6.38 2.05
CA ASN B 74 -5.07 -5.95 2.40
C ASN B 74 -5.42 -4.60 1.78
N LEU B 75 -4.49 -3.65 1.86
CA LEU B 75 -4.69 -2.34 1.20
C LEU B 75 -4.92 -2.50 -0.31
N GLU B 76 -4.06 -3.27 -0.97
CA GLU B 76 -4.16 -3.45 -2.43
C GLU B 76 -5.49 -4.09 -2.78
N LYS B 77 -5.84 -5.10 -2.00
CA LYS B 77 -7.09 -5.83 -2.23
C LYS B 77 -8.29 -4.91 -2.08
N CYS B 78 -8.26 -4.06 -1.04
CA CYS B 78 -9.41 -3.22 -0.70
C CYS B 78 -9.51 -1.98 -1.60
N ILE B 79 -8.37 -1.45 -2.01
CA ILE B 79 -8.39 -0.42 -3.05
C ILE B 79 -8.96 -1.05 -4.31
N GLY B 80 -8.56 -2.27 -4.57
CA GLY B 80 -9.13 -3.04 -5.67
C GLY B 80 -10.64 -3.06 -5.63
N GLU B 81 -11.21 -3.54 -4.52
CA GLU B 81 -12.67 -3.66 -4.45
C GLU B 81 -13.38 -2.31 -4.59
N CYS B 82 -12.81 -1.26 -4.00
CA CYS B 82 -13.50 0.03 -3.93
C CYS B 82 -13.62 0.73 -5.26
N VAL B 83 -12.65 0.54 -6.15
CA VAL B 83 -12.66 1.24 -7.45
C VAL B 83 -13.61 0.65 -8.49
N GLN B 84 -14.24 -0.46 -8.19
CA GLN B 84 -15.22 -1.01 -9.11
C GLN B 84 -16.63 -0.89 -8.57
N VAL B 85 -16.77 -0.16 -7.49
CA VAL B 85 -18.08 0.34 -7.09
C VAL B 85 -18.25 1.81 -7.45
N PRO B 86 -19.51 2.27 -7.59
CA PRO B 86 -19.76 3.67 -7.92
C PRO B 86 -19.16 4.61 -6.88
N THR B 87 -18.99 5.88 -7.24
CA THR B 87 -18.33 6.82 -6.35
C THR B 87 -19.12 7.07 -5.06
N SER B 88 -20.45 7.10 -5.16
CA SER B 88 -21.30 7.26 -3.98
C SER B 88 -20.99 6.23 -2.87
N GLU B 89 -20.43 5.09 -3.28
CA GLU B 89 -20.41 3.90 -2.43
C GLU B 89 -18.97 3.55 -1.99
N ARG B 90 -18.01 4.28 -2.55
CA ARG B 90 -16.63 3.82 -2.72
C ARG B 90 -15.82 3.85 -1.42
N ALA B 91 -15.88 4.97 -0.71
CA ALA B 91 -15.22 5.08 0.57
C ALA B 91 -15.74 4.04 1.57
N HIS B 92 -17.07 3.85 1.61
CA HIS B 92 -17.68 2.88 2.54
C HIS B 92 -17.16 1.48 2.28
N VAL B 93 -17.12 1.12 1.01
CA VAL B 93 -16.63 -0.18 0.58
C VAL B 93 -15.16 -0.38 0.92
N PHE B 94 -14.36 0.67 0.74
CA PHE B 94 -12.96 0.60 1.10
C PHE B 94 -12.84 0.31 2.60
N TYR B 95 -13.52 1.14 3.38
CA TYR B 95 -13.77 0.98 4.82
C TYR B 95 -14.20 -0.44 5.25
N LYS B 96 -15.25 -0.97 4.64
CA LYS B 96 -15.76 -2.31 5.00
C LYS B 96 -14.76 -3.44 4.72
N CYS B 97 -14.15 -3.37 3.55
CA CYS B 97 -13.13 -4.31 3.15
C CYS B 97 -11.98 -4.31 4.15
N LEU B 98 -11.48 -3.13 4.50
CA LEU B 98 -10.39 -3.06 5.47
C LEU B 98 -10.79 -3.66 6.82
N LEU B 99 -11.96 -3.26 7.29
CA LEU B 99 -12.43 -3.71 8.59
C LEU B 99 -12.58 -5.22 8.62
N LYS B 100 -12.99 -5.80 7.49
CA LYS B 100 -13.24 -7.23 7.41
C LYS B 100 -11.95 -8.01 7.18
N SER B 101 -10.92 -7.31 6.71
CA SER B 101 -9.61 -7.92 6.47
C SER B 101 -8.78 -7.98 7.74
N THR B 102 -7.60 -8.57 7.65
CA THR B 102 -6.74 -8.77 8.81
C THR B 102 -6.20 -7.44 9.32
N THR B 103 -6.29 -6.40 8.49
CA THR B 103 -5.73 -5.10 8.82
C THR B 103 -6.74 -4.26 9.61
N GLY B 104 -8.01 -4.63 9.52
CA GLY B 104 -9.07 -3.96 10.29
C GLY B 104 -8.72 -3.61 11.72
N ARG B 105 -8.23 -4.60 12.47
CA ARG B 105 -7.81 -4.43 13.87
C ARG B 105 -6.87 -3.22 14.03
N THR B 106 -5.95 -3.05 13.08
CA THR B 106 -5.00 -1.94 13.16
C THR B 106 -5.56 -0.67 12.52
N PHE B 107 -6.37 -0.81 11.47
CA PHE B 107 -7.09 0.32 10.90
C PHE B 107 -7.90 1.11 11.92
N LYS B 108 -8.60 0.41 12.80
CA LYS B 108 -9.41 1.07 13.81
C LYS B 108 -8.54 1.94 14.70
N LYS B 109 -7.38 1.43 15.08
CA LYS B 109 -6.43 2.18 15.87
C LYS B 109 -5.90 3.42 15.16
N VAL B 110 -5.57 3.26 13.87
CA VAL B 110 -5.09 4.39 13.08
C VAL B 110 -6.19 5.42 12.89
N PHE B 111 -7.42 4.95 12.68
CA PHE B 111 -8.55 5.84 12.56
C PHE B 111 -8.70 6.64 13.88
N ASP B 112 -8.67 5.94 15.01
CA ASP B 112 -8.88 6.63 16.27
C ASP B 112 -7.84 7.71 16.48
N LEU B 113 -6.59 7.36 16.25
CA LEU B 113 -5.48 8.29 16.47
C LEU B 113 -5.67 9.52 15.63
N MET B 114 -5.89 9.32 14.34
CA MET B 114 -6.12 10.43 13.41
C MET B 114 -7.29 11.32 13.84
N GLU B 115 -8.36 10.69 14.34
CA GLU B 115 -9.53 11.42 14.80
C GLU B 115 -9.17 12.43 15.88
N LEU B 116 -8.48 11.95 16.92
CA LEU B 116 -8.11 12.79 18.05
C LEU B 116 -6.92 13.68 17.71
N LYS B 117 -6.16 13.28 16.69
CA LYS B 117 -5.10 14.12 16.16
C LYS B 117 -5.66 15.38 15.51
N LYS B 118 -6.61 15.20 14.61
CA LYS B 118 -7.21 16.33 13.88
C LYS B 118 -8.10 17.15 14.80
N ALA B 119 -8.36 16.63 16.00
CA ALA B 119 -9.19 17.33 16.98
C ALA B 119 -8.32 18.05 18.01
N GLY B 120 -7.04 17.72 18.04
CA GLY B 120 -6.08 18.40 18.89
C GLY B 120 -6.09 17.88 20.31
N LYS B 121 -6.60 16.66 20.48
CA LYS B 121 -6.62 16.03 21.79
C LYS B 121 -5.28 15.34 22.11
N VAL B 122 -4.58 14.90 21.06
CA VAL B 122 -3.24 14.33 21.23
C VAL B 122 -2.29 14.92 20.19
N PRO B 123 -1.00 14.94 20.50
CA PRO B 123 0.00 15.50 19.59
C PRO B 123 0.09 14.64 18.33
N GLN B 124 0.51 15.24 17.22
CA GLN B 124 0.43 14.58 15.92
C GLN B 124 1.37 13.38 15.85
N HIS B 125 2.18 13.20 16.89
CA HIS B 125 3.09 12.07 16.95
C HIS B 125 2.65 11.05 17.99
N GLN B 126 1.47 11.28 18.58
CA GLN B 126 0.88 10.34 19.53
C GLN B 126 0.98 8.91 19.01
N ARG B 127 1.49 8.02 19.86
CA ARG B 127 1.41 6.59 19.60
C ARG B 127 0.18 5.98 20.26
N TYR B 128 -0.03 4.68 20.03
CA TYR B 128 -1.19 3.99 20.56
C TYR B 128 -0.91 3.39 21.93
N THR B 129 -1.00 4.21 22.97
CA THR B 129 -0.58 3.80 24.30
C THR B 129 -1.77 3.38 25.15
N ALA B 130 -1.49 2.68 26.24
CA ALA B 130 -2.46 2.54 27.33
C ALA B 130 -3.13 3.88 27.64
N GLU B 131 -2.33 4.94 27.64
CA GLU B 131 -2.84 6.28 27.93
C GLU B 131 -3.79 6.78 26.86
N PHE B 132 -3.42 6.56 25.60
CA PHE B 132 -4.32 6.85 24.51
C PHE B 132 -5.65 6.13 24.62
N VAL B 133 -5.67 4.82 24.88
CA VAL B 133 -6.98 4.17 24.87
C VAL B 133 -7.92 4.77 25.92
N GLN B 134 -7.40 4.96 27.13
CA GLN B 134 -8.13 5.69 28.15
C GLN B 134 -8.62 7.03 27.63
N ILE B 135 -7.77 7.71 26.87
CA ILE B 135 -8.12 9.02 26.32
C ILE B 135 -9.29 8.92 25.35
N MET B 136 -9.32 7.83 24.58
CA MET B 136 -10.41 7.59 23.62
C MET B 136 -11.69 7.19 24.32
N LYS B 137 -11.56 6.54 25.48
CA LYS B 137 -12.71 6.20 26.31
C LYS B 137 -13.38 7.44 26.87
N ASP B 138 -12.60 8.36 27.41
CA ASP B 138 -13.18 9.58 27.98
C ASP B 138 -13.80 10.44 26.89
N TYR B 139 -13.21 10.38 25.69
CA TYR B 139 -13.73 11.15 24.56
C TYR B 139 -15.07 10.59 24.13
N ASP B 140 -15.14 9.26 24.08
CA ASP B 140 -16.37 8.59 23.70
C ASP B 140 -17.46 8.78 24.77
N LYS B 141 -17.07 8.68 26.03
CA LYS B 141 -17.98 8.92 27.15
C LYS B 141 -18.73 10.24 27.01
N ALA B 142 -18.01 11.30 26.63
CA ALA B 142 -18.62 12.63 26.49
C ALA B 142 -19.63 12.68 25.38
N LEU B 143 -19.64 11.63 24.56
CA LEU B 143 -20.55 11.53 23.41
C LEU B 143 -21.70 10.57 23.72
N ASN B 144 -21.71 10.06 24.95
CA ASN B 144 -22.72 9.10 25.36
C ASN B 144 -22.37 7.67 24.99
N CYS B 145 -21.14 7.46 24.49
CA CYS B 145 -20.70 6.14 24.09
C CYS B 145 -19.64 5.57 25.02
#